data_3UXF
#
_entry.id   3UXF
#
_cell.length_a   77.239
_cell.length_b   176.587
_cell.length_c   40.119
_cell.angle_alpha   90.00
_cell.angle_beta   90.00
_cell.angle_gamma   90.00
#
_symmetry.space_group_name_H-M   'P 21 21 2'
#
loop_
_entity.id
_entity.type
_entity.pdbx_description
1 polymer 'Fimbrial subunit type 1'
2 non-polymer 'CALCIUM ION'
3 water water
#
_entity_poly.entity_id   1
_entity_poly.type   'polypeptide(L)'
_entity_poly.pdbx_seq_one_letter_code
;MKHHHHHHPMSDYDIPTTENLYFQGAMAPADPNGSTIDPDAATTLTVHKCEQTDTNGVKEGTGNEDPQAECKPVSDVEFT
ITKLNVDLTTYDGWKTLADLKGDVVKAGALKSTTVQKITTGANGLASFTDAQTEVGAYLVSETRTPDKVIPAEDFVVTLP
MTNPQDTAKWNYNVHVYPKNTLSGVDKQVTDKPAPGSGRDITYTITTSIPKVDYPGGARIKRYEVVDRLDKRIKKEALTP
VVKIVGQNEVTLAETTDYTLITAEGKDHNWATIQLTEEGRRKASEARYNGNGETKLQVTLNAKFDAAVNLEGDLSNTAGL
IPNDSPNFTWDPNNPGTTTDIPGIPTTPVLSKYGKVILTKTGTDDLADKTKYNGAQFQVYECTKTASGATLRDSDPSTQT
VDPLTIGGEKTFTTAGQGTVEINYLRANDYVNGAKKDQLTDEDYYCLVETKAPEGYNLQADPLPFRVLAEKAEKKAATEV
TVTDIPKN
;
_entity_poly.pdbx_strand_id   A
#
loop_
_chem_comp.id
_chem_comp.type
_chem_comp.name
_chem_comp.formula
CA non-polymer 'CALCIUM ION' 'Ca 2'
#
# COMPACT_ATOMS: atom_id res chain seq x y z
N PRO A 32 -12.96 5.20 -52.25
CA PRO A 32 -13.50 3.89 -51.86
C PRO A 32 -14.84 3.98 -51.09
N ASN A 33 -15.61 2.90 -51.13
CA ASN A 33 -16.90 2.87 -50.46
C ASN A 33 -16.70 2.91 -48.95
N GLY A 34 -17.48 3.73 -48.24
CA GLY A 34 -17.26 3.91 -46.83
C GLY A 34 -17.74 2.73 -46.00
N SER A 35 -18.66 1.92 -46.56
CA SER A 35 -19.29 0.89 -45.75
C SER A 35 -18.53 -0.40 -45.73
N THR A 36 -17.70 -0.62 -46.74
CA THR A 36 -16.89 -1.82 -46.83
C THR A 36 -15.44 -1.50 -46.51
N ILE A 37 -14.63 -2.52 -46.26
CA ILE A 37 -13.25 -2.29 -45.85
C ILE A 37 -12.34 -1.96 -47.00
N ASP A 38 -11.66 -0.83 -46.87
CA ASP A 38 -10.69 -0.42 -47.89
C ASP A 38 -9.33 -1.08 -47.63
N PRO A 39 -8.95 -2.07 -48.43
CA PRO A 39 -7.71 -2.82 -48.16
C PRO A 39 -6.49 -1.92 -48.08
N ASP A 40 -6.52 -0.77 -48.76
CA ASP A 40 -5.35 0.09 -48.79
C ASP A 40 -5.46 1.29 -47.86
N ALA A 41 -6.42 1.24 -46.92
CA ALA A 41 -6.64 2.37 -46.02
C ALA A 41 -5.44 2.63 -45.16
N ALA A 42 -5.19 3.91 -44.87
CA ALA A 42 -4.25 4.28 -43.81
C ALA A 42 -4.86 3.87 -42.49
N THR A 43 -4.01 3.41 -41.58
CA THR A 43 -4.48 3.02 -40.25
C THR A 43 -3.54 3.54 -39.19
N THR A 44 -4.05 3.69 -37.96
CA THR A 44 -3.17 3.89 -36.80
C THR A 44 -3.74 3.13 -35.62
N LEU A 45 -2.87 2.80 -34.67
CA LEU A 45 -3.30 2.13 -33.44
C LEU A 45 -2.65 2.90 -32.29
N THR A 46 -3.43 3.43 -31.37
CA THR A 46 -2.89 4.23 -30.26
C THR A 46 -3.25 3.53 -28.97
N VAL A 47 -2.24 3.04 -28.26
CA VAL A 47 -2.47 2.34 -26.98
C VAL A 47 -2.21 3.33 -25.84
N HIS A 48 -3.18 3.49 -24.94
CA HIS A 48 -3.09 4.45 -23.84
C HIS A 48 -2.71 3.68 -22.57
N LYS A 49 -1.48 3.92 -22.07
CA LYS A 49 -1.00 3.22 -20.88
C LYS A 49 -1.21 4.12 -19.66
N CYS A 50 -1.98 3.61 -18.71
CA CYS A 50 -2.42 4.37 -17.54
C CYS A 50 -2.11 3.58 -16.28
N GLU A 51 -1.85 4.27 -15.17
CA GLU A 51 -1.51 3.58 -13.93
C GLU A 51 -2.66 2.72 -13.41
N GLN A 52 -3.87 3.26 -13.49
CA GLN A 52 -5.10 2.61 -13.02
C GLN A 52 -6.06 2.31 -14.16
N THR A 53 -6.69 1.16 -14.08
CA THR A 53 -7.68 0.77 -15.05
C THR A 53 -8.87 0.13 -14.34
N GLY A 61 -14.72 -1.14 -24.51
CA GLY A 61 -13.70 -0.60 -25.40
C GLY A 61 -14.24 -0.23 -26.76
N THR A 62 -14.53 1.06 -26.97
CA THR A 62 -15.17 1.52 -28.20
C THR A 62 -14.24 1.67 -29.39
N GLY A 63 -12.94 1.77 -29.15
CA GLY A 63 -11.98 2.07 -30.22
C GLY A 63 -11.79 3.55 -30.50
N ASN A 64 -12.59 4.36 -29.81
CA ASN A 64 -12.50 5.81 -29.97
C ASN A 64 -11.71 6.43 -28.84
N GLU A 65 -11.01 7.51 -29.14
CA GLU A 65 -10.27 8.22 -28.10
C GLU A 65 -11.26 8.76 -27.05
N ASP A 66 -10.88 8.64 -25.78
CA ASP A 66 -11.71 9.10 -24.67
C ASP A 66 -10.98 10.14 -23.83
N PRO A 67 -11.11 11.40 -24.21
CA PRO A 67 -10.43 12.51 -23.53
C PRO A 67 -10.83 12.69 -22.07
N GLN A 68 -10.68 11.65 -21.26
CA GLN A 68 -11.02 11.73 -19.84
C GLN A 68 -12.34 11.04 -19.53
N ALA A 69 -12.28 9.75 -19.22
CA ALA A 69 -11.03 8.99 -19.24
C ALA A 69 -9.95 9.47 -18.26
N GLU A 70 -10.08 9.09 -17.00
CA GLU A 70 -9.06 9.37 -16.01
C GLU A 70 -7.87 8.50 -16.38
N CYS A 71 -6.72 9.11 -16.56
CA CYS A 71 -5.52 8.36 -16.92
C CYS A 71 -4.29 9.05 -16.37
N LYS A 72 -3.60 8.39 -15.45
CA LYS A 72 -2.28 8.84 -15.09
C LYS A 72 -1.29 8.11 -15.98
N PRO A 73 -0.69 8.85 -16.91
CA PRO A 73 0.08 8.18 -17.97
C PRO A 73 1.33 7.54 -17.41
N VAL A 74 1.74 6.46 -18.05
CA VAL A 74 2.97 5.77 -17.65
C VAL A 74 3.96 5.76 -18.79
N SER A 75 5.15 6.31 -18.55
CA SER A 75 6.20 6.37 -19.57
C SER A 75 7.08 5.15 -19.55
N ASP A 76 7.82 4.94 -20.63
CA ASP A 76 8.82 3.89 -20.71
C ASP A 76 8.28 2.47 -20.67
N VAL A 77 7.08 2.28 -21.22
CA VAL A 77 6.51 0.96 -21.33
C VAL A 77 6.53 0.58 -22.81
N GLU A 78 7.05 -0.61 -23.12
CA GLU A 78 7.10 -1.04 -24.53
C GLU A 78 5.90 -1.92 -24.86
N PHE A 79 5.22 -1.63 -25.97
CA PHE A 79 4.19 -2.50 -26.53
C PHE A 79 4.67 -3.07 -27.83
N THR A 80 4.38 -4.34 -28.02
CA THR A 80 4.63 -5.00 -29.30
C THR A 80 3.29 -5.37 -29.93
N ILE A 81 3.15 -5.12 -31.22
CA ILE A 81 1.98 -5.63 -31.92
C ILE A 81 2.42 -6.71 -32.90
N THR A 82 1.64 -7.79 -32.99
CA THR A 82 1.97 -8.84 -33.94
C THR A 82 0.78 -9.07 -34.86
N LYS A 83 0.96 -8.95 -36.19
CA LYS A 83 -0.17 -9.17 -37.10
C LYS A 83 -0.62 -10.63 -37.12
N LEU A 84 -1.92 -10.85 -37.10
CA LEU A 84 -2.45 -12.22 -37.08
C LEU A 84 -2.72 -12.64 -38.51
N ASN A 85 -2.70 -13.95 -38.73
CA ASN A 85 -2.93 -14.48 -40.07
C ASN A 85 -4.42 -14.63 -40.33
N VAL A 86 -5.10 -13.50 -40.38
CA VAL A 86 -6.49 -13.43 -40.82
C VAL A 86 -6.58 -12.27 -41.80
N ASP A 87 -7.38 -12.45 -42.84
CA ASP A 87 -7.52 -11.40 -43.84
C ASP A 87 -8.80 -10.64 -43.57
N LEU A 88 -8.69 -9.41 -43.05
CA LEU A 88 -9.90 -8.70 -42.64
C LEU A 88 -10.56 -8.00 -43.85
N THR A 89 -10.01 -8.21 -45.04
CA THR A 89 -10.72 -7.78 -46.23
C THR A 89 -11.69 -8.87 -46.71
N THR A 90 -11.83 -9.94 -45.93
CA THR A 90 -12.75 -11.03 -46.23
C THR A 90 -13.62 -11.33 -45.00
N TYR A 91 -14.84 -11.78 -45.26
CA TYR A 91 -15.70 -12.25 -44.20
C TYR A 91 -15.02 -13.40 -43.44
N ASP A 92 -14.36 -14.32 -44.17
CA ASP A 92 -13.75 -15.48 -43.51
C ASP A 92 -12.74 -15.07 -42.43
N GLY A 93 -12.00 -14.00 -42.67
CA GLY A 93 -11.05 -13.53 -41.68
C GLY A 93 -11.74 -13.08 -40.41
N TRP A 94 -12.84 -12.35 -40.56
CA TRP A 94 -13.58 -11.90 -39.41
C TRP A 94 -14.22 -13.09 -38.69
N LYS A 95 -14.67 -14.07 -39.46
CA LYS A 95 -15.29 -15.28 -38.90
C LYS A 95 -14.27 -16.07 -38.07
N THR A 96 -13.04 -16.19 -38.57
CA THR A 96 -11.98 -16.85 -37.80
C THR A 96 -11.81 -16.18 -36.45
N LEU A 97 -11.78 -14.85 -36.45
CA LEU A 97 -11.66 -14.14 -35.17
C LEU A 97 -12.86 -14.38 -34.25
N ALA A 98 -14.06 -14.34 -34.81
CA ALA A 98 -15.27 -14.53 -34.03
C ALA A 98 -15.23 -15.91 -33.37
N ASP A 99 -14.74 -16.89 -34.11
CA ASP A 99 -14.70 -18.28 -33.64
C ASP A 99 -13.81 -18.45 -32.42
N LEU A 100 -12.89 -17.52 -32.20
CA LEU A 100 -12.01 -17.58 -31.03
C LEU A 100 -12.79 -17.26 -29.76
N LYS A 101 -13.95 -16.62 -29.91
CA LYS A 101 -14.79 -16.27 -28.77
C LYS A 101 -13.98 -15.51 -27.74
N GLY A 102 -13.12 -14.62 -28.23
CA GLY A 102 -12.37 -13.73 -27.35
C GLY A 102 -11.22 -14.37 -26.60
N ASP A 103 -10.87 -15.61 -26.94
CA ASP A 103 -9.73 -16.25 -26.33
C ASP A 103 -8.41 -15.70 -26.88
N VAL A 104 -7.70 -14.92 -26.07
CA VAL A 104 -6.48 -14.25 -26.51
C VAL A 104 -5.33 -15.23 -26.67
N VAL A 105 -5.30 -16.27 -25.84
CA VAL A 105 -4.26 -17.27 -26.04
C VAL A 105 -4.41 -18.04 -27.36
N LYS A 106 -5.63 -18.41 -27.70
CA LYS A 106 -5.89 -19.07 -28.98
C LYS A 106 -5.54 -18.14 -30.15
N ALA A 107 -5.75 -16.83 -29.96
CA ALA A 107 -5.35 -15.88 -31.02
C ALA A 107 -3.86 -15.97 -31.32
N GLY A 108 -3.06 -16.31 -30.30
CA GLY A 108 -1.63 -16.44 -30.46
C GLY A 108 -1.20 -17.47 -31.49
N ALA A 109 -2.02 -18.48 -31.69
CA ALA A 109 -1.77 -19.52 -32.69
C ALA A 109 -1.81 -18.94 -34.11
N LEU A 110 -2.39 -17.75 -34.25
CA LEU A 110 -2.49 -17.08 -35.56
C LEU A 110 -1.39 -16.07 -35.83
N LYS A 111 -0.40 -15.97 -34.93
CA LYS A 111 0.63 -14.96 -35.08
C LYS A 111 1.46 -15.13 -36.31
N SER A 112 1.68 -14.03 -37.04
CA SER A 112 2.61 -13.99 -38.17
C SER A 112 3.97 -13.57 -37.63
N THR A 113 4.95 -13.41 -38.53
CA THR A 113 6.23 -12.85 -38.18
C THR A 113 6.28 -11.33 -38.36
N THR A 114 5.13 -10.72 -38.68
CA THR A 114 5.08 -9.28 -38.85
C THR A 114 4.87 -8.60 -37.49
N VAL A 115 5.91 -7.91 -37.01
CA VAL A 115 5.94 -7.37 -35.65
C VAL A 115 6.41 -5.91 -35.63
N GLN A 116 5.85 -5.06 -34.77
CA GLN A 116 6.31 -3.71 -34.58
C GLN A 116 6.29 -3.41 -33.09
N LYS A 117 7.16 -2.51 -32.65
CA LYS A 117 7.24 -2.12 -31.25
C LYS A 117 7.31 -0.61 -31.08
N ILE A 118 6.82 -0.13 -29.95
CA ILE A 118 6.87 1.27 -29.58
C ILE A 118 6.94 1.40 -28.07
N THR A 119 7.67 2.40 -27.58
CA THR A 119 7.78 2.63 -26.15
C THR A 119 7.09 3.94 -25.81
N THR A 120 6.32 3.95 -24.73
CA THR A 120 5.56 5.14 -24.39
C THR A 120 6.48 6.24 -23.86
N GLY A 121 6.05 7.46 -24.09
CA GLY A 121 6.72 8.63 -23.55
C GLY A 121 5.89 9.17 -22.39
N ALA A 122 6.11 10.44 -22.08
CA ALA A 122 5.51 11.07 -20.90
C ALA A 122 4.00 10.96 -20.86
N ASN A 123 3.37 10.99 -22.03
CA ASN A 123 1.92 10.99 -22.11
C ASN A 123 1.31 9.59 -22.15
N GLY A 124 2.16 8.56 -22.02
CA GLY A 124 1.73 7.19 -21.86
C GLY A 124 1.23 6.57 -23.17
N LEU A 125 1.38 7.27 -24.29
CA LEU A 125 0.88 6.73 -25.56
C LEU A 125 1.88 5.85 -26.29
N ALA A 126 1.44 4.70 -26.78
CA ALA A 126 2.22 3.98 -27.77
C ALA A 126 1.46 4.15 -29.10
N SER A 127 1.98 5.03 -29.95
CA SER A 127 1.23 5.44 -31.14
C SER A 127 1.76 4.76 -32.36
N PHE A 128 1.16 3.63 -32.73
CA PHE A 128 1.61 2.94 -33.92
C PHE A 128 1.06 3.63 -35.17
N THR A 129 1.94 3.88 -36.14
CA THR A 129 1.59 4.76 -37.24
C THR A 129 1.07 3.97 -38.42
N ASP A 130 0.73 4.69 -39.47
CA ASP A 130 0.37 4.06 -40.75
C ASP A 130 1.53 3.24 -41.33
N ALA A 131 2.76 3.68 -41.11
CA ALA A 131 3.89 2.87 -41.57
C ALA A 131 3.99 1.53 -40.85
N GLN A 132 3.54 1.52 -39.58
CA GLN A 132 3.65 0.33 -38.76
C GLN A 132 2.44 -0.57 -38.77
N THR A 133 1.35 -0.15 -39.40
CA THR A 133 0.13 -0.93 -39.30
C THR A 133 -0.55 -0.99 -40.65
N GLU A 134 -1.31 -2.07 -40.86
CA GLU A 134 -2.13 -2.17 -42.06
C GLU A 134 -3.48 -2.75 -41.64
N VAL A 135 -4.43 -2.76 -42.56
CA VAL A 135 -5.71 -3.40 -42.30
C VAL A 135 -5.49 -4.85 -41.89
N GLY A 136 -6.02 -5.19 -40.72
CA GLY A 136 -5.88 -6.54 -40.22
C GLY A 136 -6.04 -6.61 -38.71
N ALA A 137 -5.81 -7.80 -38.16
CA ALA A 137 -5.94 -8.01 -36.72
C ALA A 137 -4.55 -8.13 -36.09
N TYR A 138 -4.42 -7.59 -34.88
CA TYR A 138 -3.14 -7.60 -34.19
C TYR A 138 -3.26 -8.08 -32.76
N LEU A 139 -2.26 -8.85 -32.33
CA LEU A 139 -2.15 -9.25 -30.95
C LEU A 139 -1.23 -8.22 -30.31
N VAL A 140 -1.72 -7.57 -29.26
CA VAL A 140 -0.97 -6.50 -28.61
C VAL A 140 -0.50 -6.95 -27.24
N SER A 141 0.79 -6.84 -27.01
CA SER A 141 1.36 -7.31 -25.74
C SER A 141 2.33 -6.29 -25.16
N GLU A 142 2.27 -6.10 -23.84
CA GLU A 142 3.25 -5.25 -23.19
C GLU A 142 4.53 -6.04 -22.96
N THR A 143 5.60 -5.67 -23.66
CA THR A 143 6.78 -6.52 -23.70
C THR A 143 7.98 -6.00 -22.91
N ARG A 144 7.91 -4.75 -22.47
CA ARG A 144 8.87 -4.28 -21.45
C ARG A 144 8.18 -3.34 -20.48
N THR A 145 8.32 -3.66 -19.18
CA THR A 145 7.56 -3.00 -18.15
C THR A 145 8.53 -2.63 -17.04
N PRO A 146 8.64 -1.35 -16.71
CA PRO A 146 9.48 -0.95 -15.57
C PRO A 146 9.06 -1.73 -14.33
N ASP A 147 10.00 -1.99 -13.42
CA ASP A 147 9.70 -2.86 -12.29
C ASP A 147 8.44 -2.47 -11.52
N LYS A 148 8.24 -1.17 -11.34
CA LYS A 148 7.17 -0.67 -10.50
C LYS A 148 5.80 -0.68 -11.15
N VAL A 149 5.74 -1.01 -12.44
CA VAL A 149 4.51 -0.81 -13.21
C VAL A 149 3.73 -2.13 -13.36
N ILE A 150 2.41 -2.09 -13.25
CA ILE A 150 1.62 -3.28 -13.50
C ILE A 150 1.41 -3.52 -15.02
N PRO A 151 1.76 -4.71 -15.52
CA PRO A 151 1.61 -4.92 -16.97
C PRO A 151 0.16 -4.93 -17.40
N ALA A 152 -0.07 -4.47 -18.63
CA ALA A 152 -1.37 -4.67 -19.27
C ALA A 152 -1.62 -6.13 -19.66
N GLU A 153 -2.90 -6.50 -19.75
CA GLU A 153 -3.25 -7.82 -20.28
C GLU A 153 -3.12 -7.79 -21.79
N ASP A 154 -2.65 -8.88 -22.36
CA ASP A 154 -2.61 -9.01 -23.83
C ASP A 154 -4.03 -8.90 -24.38
N PHE A 155 -4.14 -8.39 -25.61
CA PHE A 155 -5.44 -8.26 -26.20
C PHE A 155 -5.33 -8.25 -27.72
N VAL A 156 -6.46 -8.47 -28.38
CA VAL A 156 -6.52 -8.48 -29.82
C VAL A 156 -7.29 -7.26 -30.28
N VAL A 157 -6.81 -6.59 -31.32
CA VAL A 157 -7.50 -5.43 -31.86
C VAL A 157 -7.61 -5.61 -33.38
N THR A 158 -8.66 -5.06 -33.98
CA THR A 158 -8.76 -5.03 -35.43
C THR A 158 -8.61 -3.59 -35.93
N LEU A 159 -7.93 -3.43 -37.06
CA LEU A 159 -7.90 -2.17 -37.79
C LEU A 159 -8.51 -2.47 -39.13
N PRO A 160 -9.69 -1.89 -39.45
CA PRO A 160 -10.49 -0.99 -38.62
C PRO A 160 -11.37 -1.74 -37.64
N MET A 161 -12.09 -0.98 -36.81
CA MET A 161 -13.17 -1.46 -35.96
C MET A 161 -14.41 -0.79 -36.45
N THR A 162 -15.55 -1.41 -36.23
CA THR A 162 -16.82 -0.77 -36.50
C THR A 162 -17.08 0.16 -35.31
N ASN A 163 -17.30 1.44 -35.58
CA ASN A 163 -17.53 2.42 -34.53
C ASN A 163 -18.87 2.21 -33.84
N PRO A 164 -18.84 1.80 -32.57
CA PRO A 164 -20.07 1.56 -31.82
C PRO A 164 -20.90 2.82 -31.62
N GLN A 165 -20.26 3.99 -31.69
CA GLN A 165 -20.96 5.25 -31.52
C GLN A 165 -21.58 5.71 -32.84
N ASP A 166 -21.18 5.05 -33.92
CA ASP A 166 -21.72 5.32 -35.25
C ASP A 166 -21.47 4.08 -36.10
N THR A 167 -22.37 3.12 -36.02
CA THR A 167 -22.20 1.83 -36.68
C THR A 167 -22.29 1.88 -38.20
N ALA A 168 -22.26 3.08 -38.76
CA ALA A 168 -22.23 3.24 -40.20
C ALA A 168 -20.79 3.50 -40.63
N LYS A 169 -19.90 3.58 -39.65
CA LYS A 169 -18.51 3.92 -39.91
C LYS A 169 -17.50 2.85 -39.50
N TRP A 170 -16.50 2.65 -40.36
CA TRP A 170 -15.37 1.83 -40.04
C TRP A 170 -14.34 2.81 -39.48
N ASN A 171 -13.79 2.52 -38.31
CA ASN A 171 -12.79 3.39 -37.71
C ASN A 171 -11.40 2.83 -37.93
N TYR A 172 -10.59 3.52 -38.72
CA TYR A 172 -9.24 3.06 -39.05
C TYR A 172 -8.16 3.60 -38.13
N ASN A 173 -8.55 4.48 -37.21
CA ASN A 173 -7.62 5.05 -36.25
C ASN A 173 -8.08 4.66 -34.87
N VAL A 174 -7.69 3.47 -34.45
CA VAL A 174 -8.18 2.87 -33.23
C VAL A 174 -7.41 3.26 -31.99
N HIS A 175 -8.13 3.54 -30.92
CA HIS A 175 -7.55 3.88 -29.64
C HIS A 175 -7.96 2.81 -28.65
N VAL A 176 -6.99 2.27 -27.91
CA VAL A 176 -7.28 1.24 -26.94
C VAL A 176 -6.71 1.60 -25.56
N TYR A 177 -7.47 1.27 -24.53
CA TYR A 177 -7.06 1.52 -23.15
C TYR A 177 -7.00 0.16 -22.44
N PRO A 178 -5.83 -0.48 -22.51
CA PRO A 178 -5.67 -1.82 -21.95
C PRO A 178 -5.87 -1.87 -20.44
N LYS A 179 -6.27 -3.04 -19.97
CA LYS A 179 -6.52 -3.28 -18.55
C LYS A 179 -5.28 -3.83 -17.84
N ASN A 180 -5.05 -3.37 -16.61
CA ASN A 180 -4.02 -3.97 -15.78
C ASN A 180 -4.24 -5.44 -15.46
N THR A 181 -3.18 -6.23 -15.49
CA THR A 181 -3.28 -7.63 -15.11
C THR A 181 -3.51 -7.82 -13.63
N LEU A 182 -3.13 -6.81 -12.85
CA LEU A 182 -3.29 -6.91 -11.39
C LEU A 182 -4.06 -5.71 -10.90
N SER A 183 -5.03 -5.96 -10.01
CA SER A 183 -5.85 -4.88 -9.51
C SER A 183 -5.15 -3.99 -8.51
N GLY A 184 -4.10 -4.49 -7.87
CA GLY A 184 -3.35 -3.62 -6.99
C GLY A 184 -2.53 -4.29 -5.91
N VAL A 185 -1.72 -3.49 -5.25
CA VAL A 185 -0.98 -3.91 -4.07
C VAL A 185 -1.21 -2.82 -3.04
N ASP A 186 -1.34 -3.21 -1.77
CA ASP A 186 -1.71 -2.25 -0.76
C ASP A 186 -1.06 -2.64 0.55
N LYS A 187 -0.72 -1.63 1.35
CA LYS A 187 -0.25 -1.89 2.71
C LYS A 187 -1.06 -1.07 3.68
N GLN A 188 -1.43 -1.68 4.81
CA GLN A 188 -2.12 -0.98 5.87
C GLN A 188 -1.36 -1.13 7.15
N VAL A 189 -1.63 -0.23 8.08
CA VAL A 189 -1.05 -0.35 9.42
C VAL A 189 -2.17 -0.24 10.43
N THR A 190 -2.09 -1.04 11.50
CA THR A 190 -3.02 -0.90 12.60
C THR A 190 -2.22 -0.50 13.80
N ASP A 191 -2.38 0.76 14.23
CA ASP A 191 -1.69 1.25 15.41
C ASP A 191 -2.63 1.93 16.36
N LYS A 192 -3.93 1.80 16.11
CA LYS A 192 -4.88 2.21 17.17
C LYS A 192 -4.59 1.53 18.54
N PRO A 193 -4.17 0.26 18.56
CA PRO A 193 -3.78 -0.38 19.83
C PRO A 193 -2.45 0.08 20.39
N ALA A 194 -1.76 0.99 19.71
CA ALA A 194 -0.43 1.41 20.15
C ALA A 194 -0.32 2.93 20.35
N PRO A 195 -1.14 3.49 21.25
CA PRO A 195 -1.00 4.92 21.53
C PRO A 195 0.37 5.23 22.16
N GLY A 196 0.85 4.36 23.05
CA GLY A 196 2.16 4.56 23.65
C GLY A 196 3.25 3.96 22.77
N SER A 197 4.35 4.66 22.61
CA SER A 197 5.43 4.14 21.78
C SER A 197 5.99 2.87 22.39
N GLY A 198 6.37 1.98 21.50
CA GLY A 198 6.94 0.71 21.92
C GLY A 198 5.94 -0.43 21.95
N ARG A 199 4.65 -0.11 21.88
CA ARG A 199 3.63 -1.15 21.80
C ARG A 199 3.59 -1.73 20.38
N ASP A 200 3.08 -2.96 20.29
CA ASP A 200 3.04 -3.70 19.04
C ASP A 200 2.26 -2.94 17.95
N ILE A 201 2.77 -2.99 16.72
CA ILE A 201 2.04 -2.42 15.59
C ILE A 201 1.84 -3.54 14.56
N THR A 202 0.70 -3.59 13.89
CA THR A 202 0.46 -4.66 12.94
C THR A 202 0.44 -4.11 11.50
N TYR A 203 1.18 -4.74 10.60
CA TYR A 203 1.12 -4.37 9.19
C TYR A 203 0.42 -5.44 8.38
N THR A 204 -0.41 -5.02 7.41
CA THR A 204 -1.16 -5.96 6.60
C THR A 204 -0.89 -5.60 5.17
N ILE A 205 -0.32 -6.53 4.40
CA ILE A 205 0.04 -6.28 3.01
C ILE A 205 -0.84 -7.16 2.13
N THR A 206 -1.53 -6.57 1.15
CA THR A 206 -2.47 -7.32 0.35
C THR A 206 -2.11 -7.13 -1.11
N THR A 207 -1.86 -8.24 -1.79
CA THR A 207 -1.31 -8.17 -3.16
C THR A 207 -2.11 -9.01 -4.14
N SER A 208 -2.40 -8.45 -5.32
CA SER A 208 -3.03 -9.24 -6.39
C SER A 208 -2.18 -10.44 -6.76
N ILE A 209 -2.83 -11.45 -7.33
CA ILE A 209 -2.17 -12.66 -7.79
C ILE A 209 -2.42 -12.78 -9.30
N PRO A 210 -1.36 -12.99 -10.10
CA PRO A 210 -1.60 -13.14 -11.55
C PRO A 210 -2.54 -14.29 -11.88
N LYS A 211 -3.37 -14.13 -12.90
CA LYS A 211 -4.17 -15.25 -13.40
C LYS A 211 -3.39 -16.02 -14.46
N VAL A 212 -3.11 -17.29 -14.20
CA VAL A 212 -2.40 -18.14 -15.16
C VAL A 212 -3.35 -19.31 -15.49
N ASP A 213 -3.05 -20.06 -16.55
CA ASP A 213 -3.94 -21.13 -17.03
C ASP A 213 -3.71 -22.39 -16.23
N TYR A 214 -4.25 -22.38 -15.01
CA TYR A 214 -3.98 -23.45 -14.09
C TYR A 214 -4.34 -24.85 -14.65
N PRO A 215 -5.54 -24.98 -15.23
CA PRO A 215 -5.87 -26.34 -15.67
C PRO A 215 -4.98 -26.82 -16.81
N GLY A 216 -4.46 -25.87 -17.59
CA GLY A 216 -3.52 -26.17 -18.66
C GLY A 216 -2.10 -26.53 -18.23
N GLY A 217 -1.81 -26.33 -16.95
CA GLY A 217 -0.51 -26.71 -16.43
C GLY A 217 0.36 -25.53 -16.09
N ALA A 218 -0.14 -24.32 -16.36
CA ALA A 218 0.60 -23.08 -16.10
C ALA A 218 0.64 -22.82 -14.60
N ARG A 219 1.77 -22.31 -14.14
CA ARG A 219 1.99 -22.08 -12.72
C ARG A 219 2.75 -20.79 -12.56
N ILE A 220 2.36 -19.99 -11.58
CA ILE A 220 3.22 -18.88 -11.18
C ILE A 220 4.58 -19.44 -10.76
N LYS A 221 5.64 -18.86 -11.30
CA LYS A 221 6.99 -19.38 -11.06
C LYS A 221 7.75 -18.69 -9.94
N ARG A 222 7.34 -17.46 -9.63
CA ARG A 222 7.94 -16.71 -8.54
C ARG A 222 6.91 -15.74 -7.98
N TYR A 223 6.80 -15.70 -6.66
CA TYR A 223 5.88 -14.79 -6.00
C TYR A 223 6.45 -14.41 -4.64
N GLU A 224 6.96 -13.19 -4.57
CA GLU A 224 7.55 -12.69 -3.34
C GLU A 224 6.95 -11.35 -2.94
N VAL A 225 6.65 -11.22 -1.65
CA VAL A 225 6.17 -9.97 -1.09
C VAL A 225 7.30 -9.45 -0.21
N VAL A 226 7.81 -8.28 -0.54
CA VAL A 226 8.99 -7.74 0.14
C VAL A 226 8.58 -6.57 0.97
N ASP A 227 9.03 -6.54 2.23
CA ASP A 227 8.74 -5.41 3.06
C ASP A 227 10.04 -4.70 3.41
N ARG A 228 10.08 -3.41 3.15
CA ARG A 228 11.20 -2.57 3.57
C ARG A 228 10.94 -2.10 4.98
N LEU A 229 11.71 -2.63 5.92
CA LEU A 229 11.45 -2.42 7.35
C LEU A 229 12.34 -1.34 7.93
N ASP A 230 11.73 -0.40 8.64
CA ASP A 230 12.49 0.55 9.41
C ASP A 230 13.37 -0.24 10.39
N LYS A 231 14.60 0.22 10.56
CA LYS A 231 15.51 -0.49 11.45
C LYS A 231 15.11 -0.50 12.93
N ARG A 232 14.14 0.31 13.35
CA ARG A 232 13.63 0.22 14.71
C ARG A 232 12.75 -1.01 15.00
N ILE A 233 12.29 -1.73 13.96
CA ILE A 233 11.48 -2.93 14.12
C ILE A 233 12.40 -4.14 14.35
N LYS A 234 11.98 -5.03 15.22
CA LYS A 234 12.72 -6.27 15.48
C LYS A 234 12.47 -7.23 14.30
N LYS A 235 13.43 -7.31 13.38
CA LYS A 235 13.15 -8.14 12.20
C LYS A 235 13.11 -9.63 12.48
N GLU A 236 13.66 -10.04 13.63
CA GLU A 236 13.65 -11.43 14.04
C GLU A 236 12.36 -11.85 14.75
N ALA A 237 11.39 -10.93 14.88
CA ALA A 237 10.19 -11.25 15.64
C ALA A 237 8.95 -10.72 14.96
N LEU A 238 8.75 -11.12 13.72
CA LEU A 238 7.63 -10.61 12.92
C LEU A 238 6.38 -11.50 12.99
N THR A 239 6.51 -12.72 13.53
CA THR A 239 5.44 -13.73 13.57
C THR A 239 4.41 -13.63 12.44
N PRO A 240 4.87 -13.80 11.20
CA PRO A 240 3.98 -13.59 10.05
C PRO A 240 2.80 -14.56 10.01
N VAL A 241 1.70 -14.08 9.42
CA VAL A 241 0.56 -14.90 9.07
C VAL A 241 0.30 -14.60 7.60
N VAL A 242 0.16 -15.65 6.79
CA VAL A 242 -0.05 -15.51 5.35
C VAL A 242 -1.33 -16.22 4.96
N LYS A 243 -2.17 -15.51 4.25
CA LYS A 243 -3.47 -16.05 3.82
C LYS A 243 -3.71 -15.78 2.35
N ILE A 244 -4.62 -16.56 1.77
CA ILE A 244 -5.21 -16.16 0.50
C ILE A 244 -6.61 -15.69 0.87
N VAL A 245 -6.93 -14.43 0.55
CA VAL A 245 -8.21 -13.83 0.92
C VAL A 245 -9.07 -13.62 -0.30
N GLY A 246 -10.33 -13.27 -0.06
CA GLY A 246 -11.28 -13.16 -1.16
C GLY A 246 -12.51 -13.92 -0.72
N GLN A 247 -13.11 -14.68 -1.63
CA GLN A 247 -14.37 -15.38 -1.35
C GLN A 247 -14.30 -16.22 -0.06
N ASN A 248 -13.42 -17.22 -0.06
CA ASN A 248 -13.28 -18.13 1.07
C ASN A 248 -11.84 -18.24 1.49
N GLU A 249 -11.49 -17.52 2.53
CA GLU A 249 -10.08 -17.40 2.88
C GLU A 249 -9.45 -18.70 3.39
N VAL A 250 -8.15 -18.87 3.13
CA VAL A 250 -7.41 -19.93 3.78
C VAL A 250 -6.15 -19.33 4.39
N THR A 251 -5.63 -20.01 5.38
CA THR A 251 -4.33 -19.65 5.93
C THR A 251 -3.29 -20.62 5.40
N LEU A 252 -2.17 -20.07 4.95
CA LEU A 252 -1.08 -20.86 4.45
C LEU A 252 -0.10 -21.22 5.56
N ALA A 253 0.72 -22.24 5.29
CA ALA A 253 1.61 -22.79 6.33
C ALA A 253 3.05 -22.46 6.05
N GLU A 254 3.77 -22.02 7.09
CA GLU A 254 5.19 -21.75 6.89
C GLU A 254 5.89 -23.07 6.51
N THR A 255 6.95 -22.96 5.72
CA THR A 255 7.72 -24.08 5.17
C THR A 255 6.98 -24.78 4.04
N THR A 256 5.76 -25.23 4.32
CA THR A 256 4.96 -25.88 3.27
C THR A 256 4.64 -24.92 2.13
N ASP A 257 4.12 -23.72 2.45
CA ASP A 257 3.59 -22.83 1.44
C ASP A 257 4.43 -21.57 1.20
N TYR A 258 5.17 -21.18 2.23
CA TYR A 258 6.03 -20.00 2.07
C TYR A 258 7.16 -20.07 3.05
N THR A 259 8.20 -19.28 2.81
N THR A 259 8.14 -19.21 2.81
CA THR A 259 9.21 -19.08 3.86
CA THR A 259 9.20 -18.97 3.76
C THR A 259 9.45 -17.58 4.03
C THR A 259 9.25 -17.48 4.09
N LEU A 260 9.69 -17.16 5.29
CA LEU A 260 10.03 -15.78 5.61
C LEU A 260 11.54 -15.66 5.59
N ILE A 261 12.06 -14.73 4.80
CA ILE A 261 13.50 -14.48 4.74
C ILE A 261 13.79 -13.04 5.16
N THR A 262 14.50 -12.82 6.27
CA THR A 262 14.84 -11.45 6.64
C THR A 262 16.32 -11.20 6.41
N ALA A 263 16.68 -9.93 6.28
CA ALA A 263 18.08 -9.58 6.00
C ALA A 263 18.36 -8.17 6.48
N GLU A 264 19.59 -7.94 6.94
CA GLU A 264 20.02 -6.60 7.26
C GLU A 264 20.24 -5.78 5.99
N GLY A 265 19.87 -4.51 6.03
CA GLY A 265 20.08 -3.65 4.92
C GLY A 265 20.92 -2.44 5.32
N LYS A 266 21.04 -1.54 4.36
CA LYS A 266 21.89 -0.36 4.53
C LYS A 266 21.23 0.67 5.42
N ASP A 267 20.06 1.15 4.99
CA ASP A 267 19.31 2.16 5.73
C ASP A 267 18.02 1.60 6.28
N HIS A 268 17.75 0.35 5.92
CA HIS A 268 16.54 -0.35 6.34
C HIS A 268 16.93 -1.80 6.51
N ASN A 269 16.03 -2.59 7.09
CA ASN A 269 16.14 -4.03 6.95
C ASN A 269 15.04 -4.52 6.05
N TRP A 270 15.02 -5.84 5.84
CA TRP A 270 14.21 -6.39 4.76
C TRP A 270 13.58 -7.71 5.16
N ALA A 271 12.30 -7.90 4.76
CA ALA A 271 11.62 -9.16 5.03
C ALA A 271 10.93 -9.55 3.75
N THR A 272 11.15 -10.78 3.29
CA THR A 272 10.50 -11.27 2.09
C THR A 272 9.66 -12.50 2.47
N ILE A 273 8.40 -12.50 2.06
CA ILE A 273 7.60 -13.72 2.09
C ILE A 273 7.68 -14.30 0.70
N GLN A 274 8.28 -15.47 0.60
CA GLN A 274 8.51 -16.12 -0.68
C GLN A 274 7.67 -17.37 -0.75
N LEU A 275 6.73 -17.42 -1.70
CA LEU A 275 5.91 -18.62 -1.83
C LEU A 275 6.79 -19.78 -2.34
N THR A 276 6.58 -20.97 -1.80
CA THR A 276 7.25 -22.19 -2.28
C THR A 276 6.54 -22.70 -3.54
N GLU A 277 7.05 -23.78 -4.12
CA GLU A 277 6.36 -24.35 -5.27
C GLU A 277 4.89 -24.68 -4.91
N GLU A 278 4.67 -25.30 -3.74
CA GLU A 278 3.30 -25.62 -3.34
C GLU A 278 2.49 -24.35 -3.05
N GLY A 279 3.10 -23.35 -2.40
CA GLY A 279 2.38 -22.10 -2.20
C GLY A 279 2.04 -21.40 -3.50
N ARG A 280 2.96 -21.45 -4.47
CA ARG A 280 2.64 -20.87 -5.75
C ARG A 280 1.53 -21.61 -6.47
N ARG A 281 1.50 -22.92 -6.28
CA ARG A 281 0.46 -23.73 -6.88
C ARG A 281 -0.89 -23.36 -6.26
N LYS A 282 -0.93 -23.23 -4.93
CA LYS A 282 -2.17 -22.84 -4.31
C LYS A 282 -2.62 -21.47 -4.81
N ALA A 283 -1.70 -20.49 -4.89
CA ALA A 283 -2.07 -19.21 -5.39
C ALA A 283 -2.56 -19.23 -6.85
N SER A 284 -1.86 -19.95 -7.71
CA SER A 284 -2.22 -20.02 -9.12
C SER A 284 -3.67 -20.52 -9.25
N GLU A 285 -3.97 -21.56 -8.51
CA GLU A 285 -5.30 -22.19 -8.55
C GLU A 285 -6.38 -21.31 -7.98
N ALA A 286 -6.09 -20.70 -6.83
CA ALA A 286 -7.07 -19.86 -6.16
C ALA A 286 -7.48 -18.69 -7.03
N ARG A 287 -6.51 -18.07 -7.70
CA ARG A 287 -6.81 -16.92 -8.51
C ARG A 287 -7.58 -17.36 -9.77
N TYR A 288 -7.17 -18.47 -10.37
CA TYR A 288 -7.82 -18.94 -11.61
C TYR A 288 -9.29 -19.21 -11.30
N ASN A 289 -9.56 -19.88 -10.18
CA ASN A 289 -10.95 -20.19 -9.78
C ASN A 289 -11.65 -19.02 -9.11
N GLY A 290 -10.92 -17.94 -8.88
CA GLY A 290 -11.52 -16.86 -8.14
C GLY A 290 -11.76 -15.66 -9.02
N ASN A 291 -11.27 -14.52 -8.59
CA ASN A 291 -11.33 -13.37 -9.45
C ASN A 291 -10.24 -12.41 -9.03
N GLY A 292 -10.33 -11.19 -9.51
CA GLY A 292 -9.32 -10.17 -9.26
C GLY A 292 -9.15 -9.79 -7.80
N GLU A 293 -10.11 -10.15 -6.97
CA GLU A 293 -10.02 -9.82 -5.55
C GLU A 293 -9.56 -11.00 -4.68
N THR A 294 -9.16 -12.08 -5.33
CA THR A 294 -8.49 -13.19 -4.66
C THR A 294 -7.03 -12.79 -4.54
N LYS A 295 -6.55 -12.55 -3.32
CA LYS A 295 -5.26 -11.86 -3.13
C LYS A 295 -4.45 -12.55 -2.06
N LEU A 296 -3.14 -12.33 -2.06
CA LEU A 296 -2.35 -12.79 -0.90
C LEU A 296 -2.39 -11.71 0.18
N GLN A 297 -2.53 -12.14 1.44
CA GLN A 297 -2.52 -11.18 2.53
C GLN A 297 -1.44 -11.63 3.53
N VAL A 298 -0.47 -10.74 3.73
CA VAL A 298 0.62 -10.99 4.68
C VAL A 298 0.43 -10.08 5.88
N THR A 299 0.44 -10.66 7.08
CA THR A 299 0.36 -9.85 8.31
C THR A 299 1.73 -9.96 8.96
N LEU A 300 2.32 -8.80 9.26
CA LEU A 300 3.61 -8.72 9.97
C LEU A 300 3.33 -8.08 11.30
N ASN A 301 3.86 -8.67 12.37
CA ASN A 301 3.59 -8.13 13.71
C ASN A 301 4.87 -7.44 14.18
N ALA A 302 4.91 -6.11 14.04
CA ALA A 302 6.11 -5.35 14.29
C ALA A 302 6.27 -5.11 15.78
N LYS A 303 7.47 -5.41 16.30
CA LYS A 303 7.75 -5.27 17.71
C LYS A 303 8.93 -4.37 17.89
N PHE A 304 9.02 -3.73 19.06
CA PHE A 304 10.05 -2.73 19.33
C PHE A 304 10.65 -2.98 20.72
N ASP A 305 11.85 -2.46 20.93
CA ASP A 305 12.27 -2.27 22.32
C ASP A 305 11.35 -1.21 22.91
N ALA A 306 10.99 -1.38 24.17
CA ALA A 306 10.09 -0.44 24.81
C ALA A 306 10.55 1.00 24.68
N ALA A 307 11.85 1.27 24.81
CA ALA A 307 12.29 2.66 24.78
C ALA A 307 12.64 3.18 23.40
N VAL A 308 12.12 2.51 22.36
CA VAL A 308 12.40 2.91 20.98
C VAL A 308 12.15 4.40 20.74
N ASN A 309 13.05 5.03 19.99
CA ASN A 309 12.83 6.42 19.67
C ASN A 309 11.95 6.50 18.44
N LEU A 310 10.64 6.53 18.67
CA LEU A 310 9.68 6.60 17.59
C LEU A 310 9.21 8.02 17.27
N GLU A 311 9.87 9.04 17.82
CA GLU A 311 9.44 10.41 17.54
C GLU A 311 9.39 10.67 16.04
N GLY A 312 8.30 11.25 15.58
CA GLY A 312 8.17 11.54 14.16
C GLY A 312 7.45 10.46 13.38
N ASP A 313 7.86 10.23 12.12
CA ASP A 313 7.18 9.28 11.23
C ASP A 313 7.85 7.92 11.29
N LEU A 314 7.05 6.87 11.31
CA LEU A 314 7.55 5.50 11.14
C LEU A 314 6.87 5.06 9.86
N SER A 315 7.67 4.81 8.84
CA SER A 315 7.15 4.51 7.51
C SER A 315 7.37 3.07 7.15
N ASN A 316 6.40 2.49 6.46
CA ASN A 316 6.56 1.12 5.99
C ASN A 316 6.05 1.03 4.57
N THR A 317 6.78 0.30 3.75
CA THR A 317 6.39 0.08 2.34
C THR A 317 6.60 -1.38 1.99
N ALA A 318 5.77 -1.93 1.09
CA ALA A 318 5.98 -3.30 0.59
C ALA A 318 6.00 -3.27 -0.94
N GLY A 319 6.51 -4.33 -1.53
CA GLY A 319 6.53 -4.45 -2.97
C GLY A 319 6.22 -5.87 -3.36
N LEU A 320 5.64 -6.03 -4.55
CA LEU A 320 5.31 -7.35 -5.05
C LEU A 320 6.16 -7.75 -6.26
N ILE A 321 6.70 -8.96 -6.20
CA ILE A 321 7.39 -9.56 -7.34
C ILE A 321 6.48 -10.71 -7.75
N PRO A 322 5.69 -10.49 -8.78
CA PRO A 322 4.63 -11.42 -9.19
C PRO A 322 5.02 -12.51 -10.19
N ASN A 323 6.22 -12.44 -10.76
CA ASN A 323 6.64 -13.45 -11.72
C ASN A 323 8.15 -13.64 -11.71
N ASP A 324 8.66 -14.49 -12.61
CA ASP A 324 10.10 -14.79 -12.57
C ASP A 324 10.87 -14.06 -13.66
N SER A 325 10.31 -12.93 -14.10
CA SER A 325 10.98 -12.08 -15.10
C SER A 325 12.34 -11.66 -14.57
N PRO A 326 13.37 -11.70 -15.43
CA PRO A 326 14.73 -11.42 -14.97
C PRO A 326 14.97 -9.97 -14.53
N ASN A 327 14.07 -9.04 -14.85
CA ASN A 327 14.26 -7.67 -14.39
C ASN A 327 14.11 -7.52 -12.87
N PHE A 328 13.47 -8.48 -12.22
CA PHE A 328 13.38 -8.44 -10.76
C PHE A 328 14.60 -9.10 -10.14
N THR A 329 15.66 -8.31 -9.95
CA THR A 329 16.92 -8.89 -9.50
C THR A 329 17.04 -9.02 -7.98
N TRP A 330 16.05 -8.54 -7.24
CA TRP A 330 16.00 -8.78 -5.81
C TRP A 330 16.45 -10.16 -5.38
N ASP A 331 17.34 -10.20 -4.40
CA ASP A 331 17.74 -11.46 -3.78
C ASP A 331 17.44 -11.32 -2.29
N PRO A 332 16.43 -12.05 -1.78
CA PRO A 332 15.97 -11.81 -0.41
C PRO A 332 17.06 -11.96 0.63
N ASN A 333 18.07 -12.77 0.30
CA ASN A 333 19.16 -13.03 1.22
C ASN A 333 20.30 -12.06 1.05
N ASN A 334 20.30 -11.28 -0.03
CA ASN A 334 21.36 -10.31 -0.28
C ASN A 334 20.86 -8.99 -0.79
N PRO A 335 20.28 -8.17 0.11
CA PRO A 335 19.80 -6.88 -0.35
C PRO A 335 20.96 -5.97 -0.62
N GLY A 336 22.13 -6.26 -0.06
CA GLY A 336 23.28 -5.41 -0.27
C GLY A 336 22.93 -3.99 0.12
N THR A 337 23.26 -3.04 -0.75
CA THR A 337 23.04 -1.64 -0.40
C THR A 337 21.73 -1.08 -0.98
N THR A 338 20.80 -1.96 -1.38
CA THR A 338 19.49 -1.52 -1.89
C THR A 338 18.76 -0.60 -0.91
N THR A 339 18.10 0.42 -1.44
CA THR A 339 17.27 1.30 -0.60
C THR A 339 15.86 1.41 -1.14
N ASP A 340 15.67 1.24 -2.44
CA ASP A 340 14.33 1.34 -3.00
C ASP A 340 13.56 0.01 -2.89
N ILE A 341 12.27 0.05 -2.63
CA ILE A 341 11.47 -1.19 -2.59
C ILE A 341 11.52 -1.88 -3.96
N PRO A 342 11.72 -3.21 -3.97
CA PRO A 342 11.69 -3.91 -5.27
C PRO A 342 10.29 -4.17 -5.72
N GLY A 343 10.15 -4.39 -7.03
CA GLY A 343 8.88 -4.84 -7.58
C GLY A 343 7.83 -3.74 -7.60
N ILE A 344 6.58 -4.16 -7.62
CA ILE A 344 5.45 -3.25 -7.76
C ILE A 344 5.12 -2.74 -6.35
N PRO A 345 5.25 -1.43 -6.11
CA PRO A 345 5.23 -0.90 -4.74
C PRO A 345 3.86 -0.50 -4.23
N THR A 346 3.68 -0.70 -2.92
CA THR A 346 2.60 -0.05 -2.24
C THR A 346 2.91 1.42 -2.00
N THR A 347 1.88 2.24 -1.79
CA THR A 347 2.17 3.53 -1.22
C THR A 347 2.66 3.25 0.20
N PRO A 348 3.53 4.13 0.75
CA PRO A 348 3.97 3.97 2.12
C PRO A 348 2.83 4.25 3.09
N VAL A 349 2.90 3.64 4.26
CA VAL A 349 1.98 3.96 5.35
C VAL A 349 2.78 4.50 6.50
N LEU A 350 2.20 5.42 7.24
CA LEU A 350 2.88 6.10 8.34
C LEU A 350 2.17 5.92 9.66
N SER A 351 2.98 5.84 10.72
CA SER A 351 2.55 6.04 12.11
C SER A 351 3.30 7.28 12.63
N LYS A 352 2.61 8.13 13.38
CA LYS A 352 3.20 9.41 13.83
C LYS A 352 3.14 9.52 15.35
N TYR A 353 4.30 9.62 15.98
CA TYR A 353 4.42 9.68 17.44
C TYR A 353 5.07 10.98 17.85
N GLY A 354 4.51 11.61 18.88
CA GLY A 354 5.04 12.89 19.33
C GLY A 354 5.54 12.90 20.77
N LYS A 355 6.48 13.78 21.04
CA LYS A 355 6.95 14.05 22.39
C LYS A 355 6.01 15.01 23.08
N VAL A 356 5.73 14.80 24.36
CA VAL A 356 5.00 15.77 25.16
C VAL A 356 5.97 16.30 26.20
N ILE A 357 6.07 17.63 26.33
CA ILE A 357 6.84 18.21 27.43
C ILE A 357 5.85 18.77 28.43
N LEU A 358 5.82 18.23 29.64
CA LEU A 358 4.87 18.66 30.66
C LEU A 358 5.63 19.64 31.56
N THR A 359 5.14 20.86 31.67
CA THR A 359 5.67 21.84 32.62
C THR A 359 4.71 22.00 33.78
N LYS A 360 5.22 21.82 34.99
CA LYS A 360 4.40 21.96 36.19
C LYS A 360 4.62 23.31 36.83
N THR A 361 3.53 23.98 37.16
CA THR A 361 3.60 25.27 37.84
C THR A 361 2.49 25.35 38.88
N GLY A 362 2.26 26.56 39.39
CA GLY A 362 1.24 26.77 40.39
C GLY A 362 0.66 28.16 40.28
N THR A 363 -0.50 28.37 40.89
CA THR A 363 -1.12 29.69 40.87
C THR A 363 -0.27 30.73 41.57
N ASP A 364 0.66 30.27 42.41
CA ASP A 364 1.61 31.12 43.12
C ASP A 364 2.81 31.56 42.26
N ASP A 365 2.94 30.98 41.08
CA ASP A 365 3.99 31.34 40.14
C ASP A 365 5.37 31.56 40.78
N LEU A 366 5.88 30.55 41.49
CA LEU A 366 7.19 30.69 42.13
C LEU A 366 8.35 30.72 41.10
N ALA A 367 9.32 31.60 41.30
CA ALA A 367 10.47 31.68 40.40
C ALA A 367 11.40 30.47 40.60
N ASP A 368 11.42 29.94 41.81
CA ASP A 368 12.12 28.69 42.10
C ASP A 368 11.31 27.51 41.54
N LYS A 369 11.55 27.18 40.29
CA LYS A 369 10.80 26.11 39.60
C LYS A 369 10.98 24.74 40.24
N THR A 370 12.03 24.57 41.04
CA THR A 370 12.26 23.26 41.67
C THR A 370 11.16 22.91 42.68
N LYS A 371 10.40 23.90 43.13
CA LYS A 371 9.28 23.66 44.01
C LYS A 371 8.15 22.87 43.31
N TYR A 372 8.22 22.79 41.99
CA TYR A 372 7.23 22.03 41.20
C TYR A 372 7.77 20.66 40.77
N ASN A 373 8.96 20.28 41.25
CA ASN A 373 9.45 18.91 41.05
C ASN A 373 8.76 17.91 41.96
N GLY A 374 8.78 16.64 41.55
CA GLY A 374 8.18 15.57 42.31
C GLY A 374 6.71 15.36 42.10
N ALA A 375 6.12 16.12 41.18
CA ALA A 375 4.75 15.87 40.79
C ALA A 375 4.77 14.65 39.88
N GLN A 376 3.82 13.75 40.08
CA GLN A 376 3.74 12.53 39.24
C GLN A 376 2.45 12.49 38.44
N PHE A 377 2.55 11.94 37.24
CA PHE A 377 1.43 11.83 36.34
C PHE A 377 1.37 10.48 35.68
N GLN A 378 0.16 10.08 35.33
CA GLN A 378 -0.03 8.94 34.44
C GLN A 378 -0.91 9.44 33.30
N VAL A 379 -0.99 8.65 32.23
CA VAL A 379 -1.70 9.10 31.01
C VAL A 379 -2.73 8.06 30.59
N TYR A 380 -3.90 8.53 30.15
CA TYR A 380 -4.94 7.64 29.63
C TYR A 380 -5.42 8.15 28.26
N GLU A 381 -6.02 7.25 27.50
CA GLU A 381 -6.95 7.72 26.46
C GLU A 381 -8.23 8.09 27.19
N CYS A 382 -8.92 9.14 26.74
CA CYS A 382 -10.12 9.57 27.48
C CYS A 382 -11.08 10.28 26.57
N THR A 383 -12.31 10.41 27.07
CA THR A 383 -13.33 11.16 26.39
C THR A 383 -13.55 12.42 27.22
N LYS A 384 -13.37 13.58 26.60
CA LYS A 384 -13.59 14.85 27.26
C LYS A 384 -15.09 15.00 27.45
N THR A 385 -15.48 15.45 28.65
CA THR A 385 -16.90 15.65 28.95
C THR A 385 -17.10 16.98 29.66
N ALA A 386 -18.36 17.32 29.84
CA ALA A 386 -18.73 18.55 30.48
C ALA A 386 -18.18 18.64 31.89
N SER A 387 -18.01 17.48 32.51
CA SER A 387 -17.59 17.48 33.91
C SER A 387 -16.11 17.13 34.09
N GLY A 388 -15.37 17.06 33.00
CA GLY A 388 -13.95 16.74 33.07
C GLY A 388 -13.61 15.77 31.95
N ALA A 389 -13.48 14.51 32.29
CA ALA A 389 -13.22 13.48 31.32
C ALA A 389 -13.50 12.13 31.89
N THR A 390 -13.84 11.20 31.02
CA THR A 390 -14.00 9.81 31.37
C THR A 390 -12.76 9.02 30.90
N LEU A 391 -12.02 8.44 31.85
CA LEU A 391 -10.83 7.67 31.50
C LEU A 391 -11.21 6.35 30.85
N ARG A 392 -10.46 6.00 29.81
CA ARG A 392 -10.64 4.70 29.14
C ARG A 392 -9.61 3.71 29.72
N ASP A 393 -10.03 2.48 29.99
CA ASP A 393 -9.16 1.47 30.53
C ASP A 393 -8.18 0.97 29.46
N SER A 394 -6.88 1.10 29.70
CA SER A 394 -5.88 0.71 28.71
C SER A 394 -5.79 -0.80 28.50
N ASP A 395 -6.28 -1.57 29.46
CA ASP A 395 -6.30 -3.03 29.34
C ASP A 395 -7.65 -3.60 29.80
N PRO A 396 -8.60 -3.70 28.86
CA PRO A 396 -9.97 -4.13 29.13
C PRO A 396 -10.09 -5.57 29.67
N SER A 397 -9.00 -6.32 29.70
CA SER A 397 -9.05 -7.69 30.23
C SER A 397 -9.14 -7.72 31.76
N THR A 398 -8.76 -6.62 32.39
CA THR A 398 -8.81 -6.51 33.85
C THR A 398 -9.75 -5.39 34.27
N GLN A 399 -10.38 -5.56 35.42
CA GLN A 399 -11.41 -4.65 35.89
C GLN A 399 -10.85 -3.26 36.26
N THR A 400 -9.65 -3.25 36.83
CA THR A 400 -9.01 -2.01 37.21
C THR A 400 -8.79 -1.16 35.96
N VAL A 401 -9.10 0.13 36.04
CA VAL A 401 -8.88 1.03 34.91
C VAL A 401 -7.37 1.37 34.83
N ASP A 402 -6.69 0.85 33.81
CA ASP A 402 -5.23 0.97 33.76
C ASP A 402 -4.82 2.16 32.89
N PRO A 403 -3.72 2.82 33.28
CA PRO A 403 -3.13 3.88 32.45
C PRO A 403 -2.34 3.26 31.30
N LEU A 404 -1.94 4.11 30.37
CA LEU A 404 -1.12 3.68 29.24
C LEU A 404 0.32 3.39 29.62
N THR A 405 0.89 2.41 28.93
CA THR A 405 2.32 2.18 29.00
C THR A 405 2.92 2.88 27.80
N ILE A 406 3.81 3.84 28.05
CA ILE A 406 4.37 4.71 27.02
C ILE A 406 5.88 4.57 27.16
N GLY A 407 6.52 4.06 26.14
CA GLY A 407 7.97 3.84 26.20
C GLY A 407 8.35 2.91 27.34
N GLY A 408 7.47 1.97 27.64
CA GLY A 408 7.67 1.05 28.77
C GLY A 408 7.44 1.61 30.15
N GLU A 409 6.93 2.84 30.25
CA GLU A 409 6.71 3.48 31.53
C GLU A 409 5.26 3.86 31.75
N LYS A 410 4.82 3.90 33.01
CA LYS A 410 3.47 4.33 33.29
C LYS A 410 3.42 5.60 34.11
N THR A 411 4.51 5.99 34.75
CA THR A 411 4.49 7.13 35.68
C THR A 411 5.56 8.11 35.32
N PHE A 412 5.22 9.40 35.29
CA PHE A 412 6.13 10.41 34.80
C PHE A 412 6.30 11.45 35.89
N THR A 413 7.54 11.71 36.31
CA THR A 413 7.79 12.56 37.47
C THR A 413 8.55 13.84 37.08
N THR A 414 8.03 15.02 37.50
CA THR A 414 8.71 16.27 37.19
C THR A 414 10.03 16.38 37.96
N ALA A 415 11.02 16.93 37.26
CA ALA A 415 12.37 17.10 37.82
C ALA A 415 13.03 18.29 37.15
N GLY A 416 14.23 18.66 37.60
CA GLY A 416 14.89 19.80 37.00
C GLY A 416 14.19 21.09 37.34
N GLN A 417 13.64 21.75 36.32
CA GLN A 417 12.91 22.98 36.49
C GLN A 417 11.40 22.73 36.40
N GLY A 418 10.95 21.67 37.08
CA GLY A 418 9.54 21.31 37.12
C GLY A 418 8.98 20.76 35.84
N THR A 419 9.77 19.96 35.12
CA THR A 419 9.29 19.43 33.83
C THR A 419 9.48 17.93 33.73
N VAL A 420 8.75 17.31 32.81
CA VAL A 420 9.03 15.91 32.51
C VAL A 420 8.63 15.68 31.07
N GLU A 421 9.39 14.85 30.36
CA GLU A 421 8.99 14.48 29.00
C GLU A 421 8.22 13.18 29.02
N ILE A 422 7.16 13.12 28.23
CA ILE A 422 6.39 11.90 28.05
C ILE A 422 6.65 11.47 26.59
N ASN A 423 7.49 10.46 26.43
CA ASN A 423 7.96 10.05 25.12
C ASN A 423 7.59 8.61 24.84
N TYR A 424 6.75 8.30 23.85
CA TYR A 424 6.10 9.23 22.95
C TYR A 424 4.67 8.74 22.75
N LEU A 425 3.79 9.65 22.32
CA LEU A 425 2.38 9.29 22.12
C LEU A 425 1.96 9.43 20.66
N ARG A 426 1.20 8.46 20.18
CA ARG A 426 0.70 8.50 18.81
C ARG A 426 -0.28 9.64 18.64
N ALA A 427 -0.21 10.32 17.51
CA ALA A 427 -1.10 11.46 17.25
C ALA A 427 -2.56 11.04 17.38
N ASN A 428 -3.37 11.89 18.02
CA ASN A 428 -4.79 11.62 18.15
C ASN A 428 -5.50 11.73 16.82
N ASP A 429 -4.94 12.54 15.93
CA ASP A 429 -5.57 12.79 14.64
C ASP A 429 -4.93 12.07 13.46
N TYR A 430 -4.12 11.06 13.74
CA TYR A 430 -3.51 10.26 12.69
C TYR A 430 -3.38 8.86 13.25
N VAL A 431 -4.18 7.95 12.72
CA VAL A 431 -4.21 6.60 13.23
C VAL A 431 -4.52 5.60 12.12
N ASN A 432 -3.99 4.40 12.26
CA ASN A 432 -4.21 3.34 11.27
C ASN A 432 -3.85 3.78 9.86
N GLY A 433 -2.86 4.65 9.73
CA GLY A 433 -2.30 4.99 8.44
C GLY A 433 -3.01 6.10 7.73
N ALA A 434 -3.93 6.77 8.42
CA ALA A 434 -4.61 7.88 7.77
C ALA A 434 -4.87 9.01 8.74
N LYS A 435 -4.85 10.23 8.21
CA LYS A 435 -5.32 11.39 8.98
C LYS A 435 -6.79 11.21 9.33
N LYS A 436 -7.13 11.47 10.61
CA LYS A 436 -8.50 11.42 11.06
C LYS A 436 -9.00 12.82 10.81
N ASP A 437 -9.83 12.96 9.79
CA ASP A 437 -10.19 14.26 9.29
C ASP A 437 -11.05 14.97 10.32
N GLN A 438 -12.03 14.26 10.86
CA GLN A 438 -12.87 14.85 11.90
C GLN A 438 -12.51 14.26 13.26
N LEU A 439 -12.47 15.11 14.28
CA LEU A 439 -12.20 14.68 15.63
C LEU A 439 -13.39 14.90 16.51
N THR A 440 -13.52 14.05 17.52
CA THR A 440 -14.61 14.17 18.47
C THR A 440 -14.05 14.24 19.87
N ASP A 441 -14.94 14.36 20.83
CA ASP A 441 -14.49 14.41 22.23
C ASP A 441 -13.88 13.07 22.65
N GLU A 442 -14.02 12.02 21.85
CA GLU A 442 -13.38 10.76 22.20
C GLU A 442 -11.88 10.75 21.85
N ASP A 443 -11.45 11.72 21.06
CA ASP A 443 -10.08 11.71 20.49
C ASP A 443 -9.12 12.54 21.36
N TYR A 444 -8.98 12.11 22.62
CA TYR A 444 -8.11 12.80 23.57
C TYR A 444 -7.23 11.84 24.34
N TYR A 445 -6.10 12.37 24.82
CA TYR A 445 -5.43 11.78 25.96
C TYR A 445 -5.76 12.60 27.21
N CYS A 446 -5.51 12.06 28.40
CA CYS A 446 -5.72 12.78 29.66
C CYS A 446 -4.50 12.57 30.52
N LEU A 447 -3.99 13.64 31.11
CA LEU A 447 -3.06 13.49 32.25
C LEU A 447 -3.86 13.27 33.50
N VAL A 448 -3.42 12.37 34.38
CA VAL A 448 -3.96 12.32 35.72
C VAL A 448 -2.80 12.61 36.66
N GLU A 449 -2.95 13.65 37.47
CA GLU A 449 -1.94 13.95 38.48
C GLU A 449 -2.07 12.96 39.64
N THR A 450 -1.11 12.04 39.72
CA THR A 450 -1.16 11.00 40.75
C THR A 450 -0.40 11.33 42.01
N LYS A 451 0.49 12.33 41.98
CA LYS A 451 1.10 12.78 43.23
C LYS A 451 1.37 14.25 43.08
N ALA A 452 0.86 15.03 44.04
CA ALA A 452 1.12 16.45 44.01
C ALA A 452 2.49 16.77 44.53
N PRO A 453 3.11 17.81 43.97
CA PRO A 453 4.37 18.29 44.54
C PRO A 453 4.12 18.82 45.96
N GLU A 454 5.14 18.76 46.80
CA GLU A 454 4.97 19.17 48.21
C GLU A 454 4.43 20.61 48.32
N GLY A 455 3.39 20.79 49.12
CA GLY A 455 2.80 22.10 49.31
C GLY A 455 1.66 22.42 48.36
N TYR A 456 1.29 21.44 47.53
CA TYR A 456 0.21 21.63 46.54
C TYR A 456 -0.87 20.56 46.60
N ASN A 457 -1.99 20.85 45.95
CA ASN A 457 -3.12 19.94 45.90
C ASN A 457 -3.00 19.05 44.66
N LEU A 458 -3.63 17.89 44.77
CA LEU A 458 -3.96 17.10 43.59
C LEU A 458 -4.98 17.87 42.74
N GLN A 459 -5.29 17.36 41.56
CA GLN A 459 -6.29 17.97 40.67
C GLN A 459 -7.69 17.42 40.91
N ALA A 460 -8.70 18.24 40.60
CA ALA A 460 -10.07 17.79 40.65
C ALA A 460 -10.39 16.76 39.58
N ASP A 461 -9.85 16.99 38.38
CA ASP A 461 -10.20 16.25 37.18
C ASP A 461 -8.95 15.78 36.45
N PRO A 462 -9.11 14.80 35.55
CA PRO A 462 -8.07 14.55 34.53
C PRO A 462 -7.96 15.75 33.63
N LEU A 463 -6.83 15.85 32.93
CA LEU A 463 -6.54 17.02 32.11
C LEU A 463 -6.36 16.60 30.65
N PRO A 464 -7.36 16.86 29.81
CA PRO A 464 -7.30 16.40 28.42
C PRO A 464 -6.31 17.19 27.63
N PHE A 465 -5.69 16.51 26.66
CA PHE A 465 -4.79 17.15 25.69
C PHE A 465 -4.70 16.28 24.47
N ARG A 466 -4.20 16.87 23.38
CA ARG A 466 -4.01 16.14 22.14
C ARG A 466 -2.59 16.26 21.67
N VAL A 467 -2.10 15.19 21.03
CA VAL A 467 -0.87 15.24 20.25
C VAL A 467 -1.32 15.24 18.83
N LEU A 468 -0.99 16.32 18.10
CA LEU A 468 -1.40 16.45 16.71
C LEU A 468 -0.30 16.07 15.75
N ALA A 469 -0.70 15.42 14.65
CA ALA A 469 0.24 14.98 13.62
C ALA A 469 1.12 16.12 13.15
N GLU A 470 0.54 17.32 13.04
CA GLU A 470 1.33 18.45 12.53
C GLU A 470 2.55 18.72 13.37
N LYS A 471 2.48 18.43 14.67
CA LYS A 471 3.66 18.58 15.53
C LYS A 471 4.47 17.29 15.49
N ALA A 472 3.82 16.15 15.68
CA ALA A 472 4.57 14.90 15.78
C ALA A 472 5.43 14.63 14.57
N GLU A 473 4.89 14.88 13.38
CA GLU A 473 5.63 14.50 12.17
C GLU A 473 6.87 15.39 11.95
N LYS A 474 6.87 16.56 12.59
CA LYS A 474 8.02 17.48 12.54
C LYS A 474 8.93 17.29 13.75
N LYS A 475 8.61 16.30 14.60
CA LYS A 475 9.31 16.10 15.87
C LYS A 475 9.29 17.36 16.71
N ALA A 476 8.17 18.07 16.67
CA ALA A 476 7.96 19.23 17.52
C ALA A 476 7.26 18.76 18.77
N ALA A 477 7.70 19.25 19.91
CA ALA A 477 7.05 18.89 21.16
C ALA A 477 5.67 19.45 21.29
N THR A 478 4.82 18.66 21.95
CA THR A 478 3.51 19.14 22.39
C THR A 478 3.74 19.62 23.82
N GLU A 479 3.55 20.91 24.04
CA GLU A 479 3.86 21.51 25.33
C GLU A 479 2.59 21.70 26.14
N VAL A 480 2.54 21.04 27.29
CA VAL A 480 1.39 21.12 28.17
C VAL A 480 1.82 21.69 29.50
N THR A 481 1.08 22.68 29.99
CA THR A 481 1.34 23.22 31.33
C THR A 481 0.25 22.76 32.28
N VAL A 482 0.66 22.21 33.42
CA VAL A 482 -0.28 21.85 34.45
C VAL A 482 -0.11 22.82 35.61
N THR A 483 -1.20 23.46 36.02
CA THR A 483 -1.15 24.43 37.10
C THR A 483 -1.73 23.86 38.38
N ASP A 484 -0.90 23.84 39.43
CA ASP A 484 -1.30 23.32 40.72
C ASP A 484 -1.87 24.43 41.62
N ILE A 485 -2.78 24.05 42.50
CA ILE A 485 -3.32 24.94 43.50
C ILE A 485 -2.55 24.76 44.81
N PRO A 486 -1.94 25.82 45.35
CA PRO A 486 -1.24 25.67 46.63
C PRO A 486 -2.14 25.29 47.79
N LYS A 487 -1.56 24.60 48.70
CA LYS A 487 -2.34 24.29 49.90
C LYS A 487 -2.57 25.52 50.77
CA CA B . -15.07 18.00 37.13
CA CA C . -8.06 -2.94 33.10
CA CA D . -0.27 1.24 -43.43
CA CA E . 15.09 -4.19 -12.44
#